data_6KY1
#
_entry.id   6KY1
#
_cell.length_a   72.707
_cell.length_b   72.707
_cell.length_c   103.998
_cell.angle_alpha   90.000
_cell.angle_beta   90.000
_cell.angle_gamma   120.000
#
_symmetry.space_group_name_H-M   'P 31'
#
loop_
_entity.id
_entity.type
_entity.pdbx_description
1 polymer 'Glutathione-specific gamma-glutamylcyclotransferase 2'
2 water water
#
_entity_poly.entity_id   1
_entity_poly.type   'polypeptide(L)'
_entity_poly.pdbx_seq_one_letter_code
;KVPRGSHMWVFGYGSLIWKVDFPYQDKLVGYITNYSRRFWQGSTDHRGVPGKPGRVVTLVEDPAGCVWGVAYRLPVGKEE
EVKAYLDFGQKGGYRTTTVIFYPKDPTTKPFSVLLYIGTCDNPDYLGPAPLEDIAEQIFNAAGPSGRNTEYLFELANSIR
NLVPEEADEHLFALEKLVKERL
;
_entity_poly.pdbx_strand_id   A,B,C
#
# COMPACT_ATOMS: atom_id res chain seq x y z
N LYS A 1 18.62 -13.70 20.96
CA LYS A 1 18.22 -14.92 20.18
C LYS A 1 18.94 -14.91 18.84
N VAL A 2 18.26 -15.30 17.76
CA VAL A 2 18.84 -15.47 16.40
C VAL A 2 18.43 -14.25 15.60
N PRO A 3 19.34 -13.57 14.86
CA PRO A 3 18.95 -12.39 14.09
C PRO A 3 17.86 -12.75 13.07
N ARG A 4 16.88 -11.87 12.89
CA ARG A 4 15.84 -11.91 11.81
C ARG A 4 16.27 -10.98 10.68
N GLY A 5 15.82 -11.25 9.46
CA GLY A 5 16.17 -10.48 8.24
C GLY A 5 15.42 -9.15 8.18
N SER A 6 14.26 -9.06 8.82
CA SER A 6 13.42 -7.84 8.83
C SER A 6 12.91 -7.57 10.24
N HIS A 7 12.57 -6.31 10.53
CA HIS A 7 11.94 -5.90 11.81
C HIS A 7 11.01 -4.71 11.57
N MET A 8 9.83 -4.78 12.17
CA MET A 8 8.92 -3.60 12.26
C MET A 8 8.08 -3.76 13.53
N TRP A 9 8.13 -2.75 14.39
CA TRP A 9 7.30 -2.66 15.60
C TRP A 9 6.34 -1.47 15.45
N VAL A 10 5.10 -1.64 15.86
CA VAL A 10 4.14 -0.51 15.97
C VAL A 10 3.88 -0.25 17.46
N PHE A 11 3.84 1.02 17.83
CA PHE A 11 3.61 1.43 19.25
C PHE A 11 2.10 1.62 19.47
N GLY A 12 1.55 0.93 20.45
CA GLY A 12 0.12 1.03 20.82
C GLY A 12 -0.09 1.94 22.01
N TYR A 13 -1.00 2.89 21.91
CA TYR A 13 -1.22 3.91 22.96
C TYR A 13 -2.70 4.03 23.32
N GLY A 14 -3.59 3.52 22.47
CA GLY A 14 -5.05 3.54 22.67
C GLY A 14 -5.60 2.14 22.85
N SER A 15 -6.60 1.80 22.03
CA SER A 15 -7.36 0.52 22.07
C SER A 15 -6.45 -0.66 21.72
N LEU A 16 -5.33 -0.39 21.04
CA LEU A 16 -4.35 -1.43 20.63
C LEU A 16 -3.74 -2.08 21.86
N ILE A 17 -3.74 -1.40 23.01
CA ILE A 17 -3.14 -1.93 24.26
C ILE A 17 -3.96 -3.15 24.71
N TRP A 18 -5.29 -3.14 24.59
CA TRP A 18 -6.12 -4.29 25.05
C TRP A 18 -6.73 -5.07 23.87
N LYS A 19 -6.70 -4.54 22.65
CA LYS A 19 -7.38 -5.21 21.50
C LYS A 19 -6.61 -5.00 20.20
N VAL A 20 -6.03 -6.07 19.69
CA VAL A 20 -5.28 -6.14 18.40
C VAL A 20 -5.98 -7.16 17.50
N ASP A 21 -6.30 -6.80 16.26
CA ASP A 21 -6.92 -7.74 15.28
C ASP A 21 -5.86 -8.20 14.26
N PHE A 22 -4.65 -7.65 14.30
CA PHE A 22 -3.54 -8.01 13.39
C PHE A 22 -2.60 -8.98 14.10
N PRO A 23 -1.84 -9.82 13.36
CA PRO A 23 -0.92 -10.77 13.96
C PRO A 23 0.36 -10.10 14.45
N TYR A 24 0.95 -10.61 15.52
CA TYR A 24 2.22 -10.08 16.08
C TYR A 24 2.98 -11.27 16.69
N GLN A 25 4.30 -11.19 16.76
CA GLN A 25 5.14 -12.32 17.21
C GLN A 25 5.95 -11.95 18.45
N ASP A 26 5.75 -10.74 18.98
CA ASP A 26 6.33 -10.29 20.27
C ASP A 26 5.56 -9.04 20.68
N LYS A 27 5.49 -8.73 21.97
CA LYS A 27 5.04 -7.41 22.47
C LYS A 27 5.85 -7.05 23.72
N LEU A 28 6.11 -5.76 23.91
CA LEU A 28 6.91 -5.23 25.05
C LEU A 28 6.18 -4.02 25.63
N VAL A 29 6.07 -3.98 26.95
CA VAL A 29 5.59 -2.76 27.68
C VAL A 29 6.75 -1.76 27.63
N GLY A 30 6.45 -0.49 27.40
CA GLY A 30 7.46 0.56 27.39
C GLY A 30 6.83 1.90 27.12
N TYR A 31 7.66 2.89 26.77
CA TYR A 31 7.21 4.28 26.62
C TYR A 31 7.99 4.92 25.46
N ILE A 32 7.39 5.98 24.97
CA ILE A 32 7.99 6.91 23.97
C ILE A 32 8.02 8.26 24.66
N THR A 33 8.86 9.16 24.20
CA THR A 33 9.03 10.52 24.77
C THR A 33 8.60 11.56 23.72
N ASN A 34 8.48 12.83 24.12
CA ASN A 34 8.29 13.97 23.17
C ASN A 34 6.83 14.01 22.68
N TYR A 35 5.95 13.15 23.22
CA TYR A 35 4.48 13.18 23.00
C TYR A 35 3.77 12.97 24.34
N SER A 36 2.57 13.51 24.44
CA SER A 36 1.58 13.24 25.50
C SER A 36 0.30 12.66 24.90
N ARG A 37 -0.39 11.80 25.65
CA ARG A 37 -1.64 11.13 25.24
C ARG A 37 -2.82 11.94 25.80
N ARG A 38 -3.68 12.47 24.92
CA ARG A 38 -4.80 13.37 25.30
C ARG A 38 -6.10 12.85 24.69
N PHE A 39 -7.20 12.94 25.44
CA PHE A 39 -8.57 12.66 24.94
C PHE A 39 -9.08 13.89 24.18
N TRP A 40 -8.48 14.17 23.01
CA TRP A 40 -8.76 15.35 22.16
C TRP A 40 -9.26 14.92 20.77
N GLN A 41 -9.51 13.63 20.56
CA GLN A 41 -9.96 13.03 19.27
C GLN A 41 -11.41 12.58 19.47
N GLY A 42 -12.29 13.05 18.59
CA GLY A 42 -13.68 12.59 18.49
C GLY A 42 -13.72 11.17 17.97
N SER A 43 -14.65 10.37 18.48
CA SER A 43 -15.04 9.07 17.89
C SER A 43 -16.48 9.14 17.38
N THR A 44 -16.67 8.96 16.07
CA THR A 44 -17.98 8.84 15.41
C THR A 44 -18.12 7.47 14.73
N ASP A 45 -17.18 6.55 14.90
CA ASP A 45 -17.28 5.17 14.33
C ASP A 45 -17.09 4.06 15.36
N HIS A 46 -16.68 4.36 16.60
CA HIS A 46 -16.41 3.38 17.69
C HIS A 46 -17.16 3.74 18.99
N ARG A 47 -16.83 4.89 19.60
CA ARG A 47 -17.20 5.24 21.00
C ARG A 47 -18.14 6.45 21.05
N GLY A 48 -18.54 6.91 19.87
CA GLY A 48 -19.68 7.81 19.69
C GLY A 48 -20.17 7.72 18.27
N VAL A 49 -21.01 8.67 17.87
CA VAL A 49 -21.68 8.67 16.54
C VAL A 49 -21.73 10.09 16.04
N PRO A 50 -21.89 10.29 14.71
CA PRO A 50 -22.13 11.61 14.14
C PRO A 50 -23.25 12.31 14.91
N GLY A 51 -23.00 13.53 15.39
CA GLY A 51 -23.98 14.32 16.14
C GLY A 51 -23.79 14.20 17.64
N LYS A 52 -23.15 13.12 18.11
CA LYS A 52 -22.88 12.86 19.55
C LYS A 52 -21.57 12.09 19.66
N PRO A 53 -20.44 12.75 19.33
CA PRO A 53 -19.14 12.10 19.30
C PRO A 53 -18.64 11.74 20.69
N GLY A 54 -17.85 10.68 20.76
CA GLY A 54 -17.11 10.28 21.97
C GLY A 54 -15.72 10.88 21.97
N ARG A 55 -15.02 10.82 23.10
CA ARG A 55 -13.60 11.26 23.17
C ARG A 55 -12.74 10.03 23.37
N VAL A 56 -11.77 9.90 22.48
CA VAL A 56 -10.74 8.83 22.49
C VAL A 56 -9.38 9.52 22.43
N VAL A 57 -8.31 8.76 22.59
CA VAL A 57 -6.97 9.35 22.76
C VAL A 57 -6.38 9.68 21.40
N THR A 58 -5.48 10.67 21.41
CA THR A 58 -4.69 11.15 20.27
C THR A 58 -3.35 11.62 20.87
N LEU A 59 -2.24 11.54 20.12
CA LEU A 59 -0.92 11.96 20.64
C LEU A 59 -0.69 13.40 20.22
N VAL A 60 -0.14 14.23 21.12
CA VAL A 60 0.22 15.64 20.81
C VAL A 60 1.69 15.82 21.13
N GLU A 61 2.40 16.58 20.29
CA GLU A 61 3.82 16.94 20.51
C GLU A 61 3.91 17.66 21.87
N ASP A 62 4.83 17.20 22.71
CA ASP A 62 5.02 17.68 24.10
C ASP A 62 6.46 17.32 24.46
N PRO A 63 7.41 18.28 24.38
CA PRO A 63 8.82 17.97 24.55
C PRO A 63 9.09 17.24 25.88
N ALA A 64 8.37 17.61 26.96
CA ALA A 64 8.51 17.01 28.31
C ALA A 64 7.54 15.83 28.50
N GLY A 65 6.89 15.37 27.43
CA GLY A 65 5.85 14.33 27.53
C GLY A 65 6.41 12.91 27.51
N CYS A 66 5.64 11.95 28.00
CA CYS A 66 5.87 10.51 27.71
C CYS A 66 4.54 9.76 27.59
N VAL A 67 4.59 8.64 26.88
CA VAL A 67 3.37 7.81 26.64
C VAL A 67 3.76 6.38 26.91
N TRP A 68 3.23 5.83 27.98
CA TRP A 68 3.40 4.38 28.30
C TRP A 68 2.39 3.60 27.46
N GLY A 69 2.79 2.44 26.98
CA GLY A 69 1.90 1.54 26.23
C GLY A 69 2.62 0.29 25.81
N VAL A 70 2.22 -0.30 24.67
CA VAL A 70 2.77 -1.62 24.23
C VAL A 70 3.30 -1.47 22.81
N ALA A 71 4.51 -1.96 22.57
CA ALA A 71 5.03 -2.10 21.20
C ALA A 71 4.78 -3.55 20.75
N TYR A 72 4.37 -3.74 19.48
CA TYR A 72 4.00 -5.07 18.92
C TYR A 72 4.89 -5.30 17.71
N ARG A 73 5.60 -6.43 17.67
CA ARG A 73 6.46 -6.72 16.52
C ARG A 73 5.60 -7.35 15.42
N LEU A 74 5.65 -6.79 14.22
CA LEU A 74 4.88 -7.36 13.08
C LEU A 74 5.57 -8.64 12.64
N PRO A 75 4.80 -9.66 12.13
CA PRO A 75 5.39 -10.94 11.78
C PRO A 75 6.48 -10.79 10.70
N VAL A 76 7.62 -11.46 10.91
CA VAL A 76 8.85 -11.35 10.07
C VAL A 76 8.47 -11.88 8.68
N GLY A 77 8.86 -11.19 7.61
CA GLY A 77 8.43 -11.46 6.24
C GLY A 77 7.01 -10.98 5.93
N LYS A 78 6.26 -10.45 6.92
CA LYS A 78 4.86 -9.99 6.69
C LYS A 78 4.66 -8.56 7.24
N GLU A 79 5.74 -7.83 7.52
CA GLU A 79 5.65 -6.49 8.15
C GLU A 79 4.93 -5.52 7.21
N GLU A 80 5.32 -5.48 5.94
CA GLU A 80 4.82 -4.48 4.97
C GLU A 80 3.31 -4.69 4.79
N GLU A 81 2.90 -5.95 4.57
CA GLU A 81 1.47 -6.31 4.35
C GLU A 81 0.68 -5.92 5.59
N VAL A 82 1.19 -6.26 6.77
CA VAL A 82 0.47 -5.97 8.04
C VAL A 82 0.45 -4.44 8.24
N LYS A 83 1.54 -3.75 7.93
CA LYS A 83 1.57 -2.25 8.01
C LYS A 83 0.40 -1.70 7.17
N ALA A 84 0.28 -2.15 5.92
CA ALA A 84 -0.74 -1.75 4.92
C ALA A 84 -2.13 -1.89 5.54
N TYR A 85 -2.41 -3.04 6.16
CA TYR A 85 -3.68 -3.37 6.85
C TYR A 85 -3.97 -2.27 7.89
N LEU A 86 -2.96 -1.88 8.66
CA LEU A 86 -3.05 -0.77 9.64
C LEU A 86 -3.26 0.56 8.91
N ASP A 87 -2.48 0.83 7.86
CA ASP A 87 -2.42 2.12 7.12
C ASP A 87 -3.76 2.41 6.42
N PHE A 88 -4.49 1.37 6.00
CA PHE A 88 -5.75 1.54 5.23
C PHE A 88 -6.96 1.49 6.18
N GLY A 89 -6.70 1.21 7.46
CA GLY A 89 -7.68 1.32 8.55
C GLY A 89 -7.68 2.68 9.24
N GLN A 90 -6.72 3.57 8.92
CA GLN A 90 -6.45 4.83 9.66
C GLN A 90 -7.26 6.01 9.10
N LYS A 91 -8.48 6.21 9.63
CA LYS A 91 -9.46 7.27 9.21
C LYS A 91 -8.82 8.65 9.35
N GLY A 93 -6.46 11.47 7.60
CA GLY A 93 -6.00 10.18 8.16
C GLY A 93 -5.01 10.37 9.30
N TYR A 94 -4.42 9.27 9.81
CA TYR A 94 -3.26 9.27 10.74
C TYR A 94 -1.97 9.38 9.92
N ARG A 95 -1.02 10.22 10.35
CA ARG A 95 0.34 10.23 9.77
C ARG A 95 1.20 9.24 10.54
N THR A 96 2.26 8.75 9.90
CA THR A 96 3.27 7.86 10.52
C THR A 96 4.55 8.65 10.75
N THR A 97 5.23 8.33 11.85
CA THR A 97 6.64 8.72 12.08
C THR A 97 7.31 7.53 12.75
N THR A 98 8.59 7.68 13.08
CA THR A 98 9.41 6.67 13.77
C THR A 98 10.02 7.32 15.02
N VAL A 99 9.80 6.72 16.19
CA VAL A 99 10.32 7.24 17.49
C VAL A 99 11.02 6.12 18.23
N ILE A 100 11.91 6.51 19.14
CA ILE A 100 12.60 5.56 20.04
C ILE A 100 11.57 5.12 21.09
N PHE A 101 11.43 3.80 21.22
CA PHE A 101 10.64 3.12 22.25
C PHE A 101 11.61 2.61 23.30
N TYR A 102 11.31 2.87 24.57
CA TYR A 102 12.12 2.51 25.75
C TYR A 102 11.40 1.38 26.47
N PRO A 103 11.93 0.13 26.44
CA PRO A 103 11.26 -0.98 27.08
C PRO A 103 11.25 -0.77 28.60
N LYS A 104 10.11 -1.07 29.22
CA LYS A 104 10.00 -1.13 30.69
C LYS A 104 11.12 -2.03 31.21
N ASP A 105 11.33 -3.18 30.60
CA ASP A 105 12.37 -4.11 31.02
C ASP A 105 13.74 -3.43 31.00
N PRO A 106 14.55 -3.68 32.01
CA PRO A 106 15.89 -3.10 32.08
C PRO A 106 16.92 -4.04 31.46
N THR A 107 16.49 -4.86 30.51
CA THR A 107 17.38 -5.79 29.86
C THR A 107 17.35 -5.63 28.33
N THR A 108 16.25 -5.08 27.83
CA THR A 108 16.13 -4.87 26.36
C THR A 108 16.45 -3.40 26.02
N LYS A 109 17.29 -3.21 24.99
CA LYS A 109 17.80 -1.89 24.54
C LYS A 109 16.67 -1.12 23.86
N PRO A 110 16.64 0.23 23.95
CA PRO A 110 15.65 1.03 23.24
C PRO A 110 15.78 0.81 21.73
N PHE A 111 14.69 0.93 20.97
CA PHE A 111 14.69 0.76 19.49
C PHE A 111 13.59 1.58 18.82
N SER A 112 13.73 1.72 17.51
CA SER A 112 12.86 2.52 16.65
C SER A 112 11.53 1.80 16.42
N VAL A 113 10.41 2.49 16.63
CA VAL A 113 9.04 1.95 16.42
C VAL A 113 8.24 2.90 15.51
N LEU A 114 7.32 2.31 14.76
CA LEU A 114 6.32 3.03 13.93
C LEU A 114 5.35 3.70 14.89
N LEU A 115 5.05 4.98 14.68
CA LEU A 115 4.05 5.70 15.51
C LEU A 115 3.01 6.35 14.58
N TYR A 116 1.75 5.99 14.75
CA TYR A 116 0.58 6.61 14.05
C TYR A 116 0.13 7.83 14.85
N ILE A 117 0.14 9.00 14.21
CA ILE A 117 -0.23 10.31 14.84
C ILE A 117 -1.43 10.85 14.05
N GLY A 118 -2.53 11.17 14.74
CA GLY A 118 -3.70 11.83 14.13
C GLY A 118 -3.36 13.28 13.81
N THR A 119 -3.87 13.81 12.69
CA THR A 119 -3.62 15.19 12.19
C THR A 119 -4.66 16.14 12.79
N CYS A 120 -4.37 17.44 12.73
CA CYS A 120 -5.36 18.53 12.93
C CYS A 120 -6.28 18.58 11.71
N ASP A 121 -5.76 18.13 10.56
CA ASP A 121 -6.48 18.00 9.26
C ASP A 121 -7.56 16.92 9.35
N ASN A 122 -7.48 16.03 10.36
CA ASN A 122 -8.42 14.90 10.58
C ASN A 122 -9.79 15.46 10.96
N PRO A 123 -10.88 15.04 10.29
CA PRO A 123 -12.21 15.61 10.51
C PRO A 123 -12.87 15.33 11.88
N ASP A 124 -12.44 14.26 12.56
CA ASP A 124 -13.01 13.83 13.87
C ASP A 124 -12.26 14.55 15.02
N TYR A 125 -11.11 15.20 14.76
CA TYR A 125 -10.31 15.92 15.78
C TYR A 125 -11.16 17.01 16.43
N LEU A 126 -11.18 17.05 17.76
CA LEU A 126 -11.95 18.03 18.57
C LEU A 126 -11.01 19.09 19.15
N GLY A 127 -9.86 18.67 19.69
CA GLY A 127 -8.90 19.55 20.35
C GLY A 127 -9.15 19.64 21.85
N PRO A 128 -8.34 20.44 22.59
CA PRO A 128 -8.44 20.54 24.04
C PRO A 128 -9.80 21.01 24.58
N ALA A 129 -10.05 20.75 25.87
CA ALA A 129 -11.32 21.00 26.57
C ALA A 129 -11.13 20.72 28.06
N PRO A 130 -11.77 21.48 28.99
CA PRO A 130 -11.66 21.20 30.42
C PRO A 130 -12.00 19.74 30.74
N LEU A 131 -11.32 19.15 31.74
CA LEU A 131 -11.42 17.70 32.07
C LEU A 131 -12.84 17.38 32.54
N GLU A 132 -13.52 18.32 33.20
CA GLU A 132 -14.94 18.16 33.62
C GLU A 132 -15.78 17.92 32.36
N ASP A 133 -15.55 18.68 31.29
CA ASP A 133 -16.35 18.64 30.04
C ASP A 133 -15.98 17.39 29.22
N ILE A 134 -14.73 16.93 29.30
CA ILE A 134 -14.29 15.68 28.60
C ILE A 134 -15.02 14.50 29.24
N ALA A 135 -15.06 14.44 30.57
CA ALA A 135 -15.61 13.29 31.34
C ALA A 135 -17.11 13.20 31.11
N GLU A 136 -17.79 14.36 31.09
CA GLU A 136 -19.24 14.47 30.80
C GLU A 136 -19.53 13.81 29.46
N GLN A 137 -18.80 14.25 28.42
CA GLN A 137 -18.91 13.73 27.03
C GLN A 137 -18.74 12.21 27.09
N ILE A 138 -17.67 11.72 27.70
CA ILE A 138 -17.35 10.26 27.77
C ILE A 138 -18.49 9.50 28.44
N PHE A 139 -18.97 9.98 29.59
CA PHE A 139 -20.08 9.38 30.38
C PHE A 139 -21.31 9.11 29.50
N ASN A 140 -21.59 10.05 28.59
CA ASN A 140 -22.85 10.14 27.82
C ASN A 140 -22.71 9.46 26.46
N ALA A 141 -21.48 9.23 25.97
CA ALA A 141 -21.23 8.78 24.57
C ALA A 141 -21.22 7.25 24.46
N ALA A 142 -21.82 6.73 23.39
CA ALA A 142 -21.69 5.33 22.95
C ALA A 142 -21.72 5.25 21.43
N GLY A 143 -20.92 4.35 20.87
CA GLY A 143 -20.77 4.15 19.43
C GLY A 143 -21.00 2.70 19.06
N PRO A 144 -20.75 2.35 17.79
CA PRO A 144 -20.92 0.98 17.30
C PRO A 144 -20.06 -0.09 17.99
N SER A 145 -18.97 0.27 18.66
CA SER A 145 -18.04 -0.66 19.34
C SER A 145 -18.25 -0.67 20.86
N GLY A 146 -19.17 0.16 21.39
CA GLY A 146 -19.58 0.16 22.80
C GLY A 146 -19.52 1.54 23.43
N ARG A 147 -19.75 1.59 24.74
CA ARG A 147 -19.79 2.84 25.54
C ARG A 147 -18.40 3.49 25.57
N ASN A 148 -18.38 4.82 25.48
CA ASN A 148 -17.11 5.59 25.61
C ASN A 148 -16.53 5.31 27.00
N THR A 149 -17.38 5.12 27.99
CA THR A 149 -16.90 4.80 29.34
C THR A 149 -16.06 3.51 29.34
N GLU A 150 -16.53 2.47 28.66
CA GLU A 150 -15.78 1.19 28.59
C GLU A 150 -14.37 1.42 28.06
N TYR A 151 -14.22 2.31 27.08
CA TYR A 151 -12.92 2.61 26.43
C TYR A 151 -11.96 3.13 27.50
N LEU A 152 -12.36 4.22 28.17
CA LEU A 152 -11.59 4.92 29.23
C LEU A 152 -11.16 3.96 30.36
N PHE A 153 -12.07 3.07 30.79
CA PHE A 153 -11.84 2.15 31.94
C PHE A 153 -10.87 1.04 31.53
N GLU A 154 -11.02 0.51 30.30
CA GLU A 154 -10.10 -0.52 29.75
C GLU A 154 -8.70 0.08 29.59
N LEU A 155 -8.61 1.33 29.14
CA LEU A 155 -7.29 2.00 28.97
C LEU A 155 -6.65 2.22 30.36
N ALA A 156 -7.40 2.82 31.29
CA ALA A 156 -6.99 3.08 32.69
C ALA A 156 -6.57 1.77 33.38
N ASN A 157 -7.39 0.71 33.31
CA ASN A 157 -7.09 -0.61 33.93
C ASN A 157 -5.79 -1.16 33.34
N SER A 158 -5.64 -1.12 32.00
CA SER A 158 -4.45 -1.63 31.28
C SER A 158 -3.18 -0.92 31.76
N ILE A 159 -3.14 0.42 31.70
CA ILE A 159 -1.93 1.21 32.06
C ILE A 159 -1.60 0.99 33.54
N ARG A 160 -2.62 0.88 34.39
CA ARG A 160 -2.47 0.60 35.85
C ARG A 160 -1.83 -0.79 36.04
N ASN A 161 -2.16 -1.77 35.19
CA ASN A 161 -1.60 -3.15 35.27
C ASN A 161 -0.14 -3.15 34.80
N LEU A 162 0.33 -2.09 34.14
CA LEU A 162 1.67 -2.03 33.49
C LEU A 162 2.62 -1.08 34.25
N VAL A 163 2.10 -0.02 34.89
CA VAL A 163 2.92 1.05 35.53
C VAL A 163 2.11 1.72 36.63
N PRO A 164 2.75 2.44 37.60
CA PRO A 164 2.00 3.23 38.57
C PRO A 164 1.14 4.29 37.88
N GLU A 165 0.15 4.86 38.59
CA GLU A 165 -0.85 5.83 38.04
C GLU A 165 -0.16 7.16 37.67
N GLU A 166 0.96 7.47 38.32
CA GLU A 166 1.78 8.69 38.05
C GLU A 166 2.16 8.71 36.57
N ALA A 167 2.30 7.53 35.95
CA ALA A 167 2.68 7.35 34.53
C ALA A 167 1.74 8.12 33.58
N ASP A 168 0.53 8.49 34.00
CA ASP A 168 -0.40 9.26 33.13
C ASP A 168 -1.50 9.96 33.95
N GLU A 169 -1.23 11.18 34.42
CA GLU A 169 -2.16 11.95 35.28
C GLU A 169 -3.46 12.30 34.53
N HIS A 170 -3.36 12.62 33.23
CA HIS A 170 -4.50 13.02 32.37
C HIS A 170 -5.53 11.88 32.32
N LEU A 171 -5.09 10.67 31.96
CA LEU A 171 -5.92 9.45 31.93
C LEU A 171 -6.60 9.23 33.28
N PHE A 172 -5.84 9.26 34.38
CA PHE A 172 -6.32 8.80 35.70
C PHE A 172 -7.18 9.86 36.39
N ALA A 173 -6.96 11.14 36.09
CA ALA A 173 -7.90 12.23 36.44
C ALA A 173 -9.24 11.91 35.78
N LEU A 174 -9.24 11.69 34.45
CA LEU A 174 -10.45 11.42 33.66
C LEU A 174 -11.16 10.17 34.22
N GLU A 175 -10.44 9.06 34.37
CA GLU A 175 -11.04 7.84 34.89
C GLU A 175 -11.72 8.09 36.23
N LYS A 176 -10.91 8.32 37.27
CA LYS A 176 -11.43 8.58 38.60
C LYS A 176 -12.45 9.72 38.56
N LEU A 177 -12.48 10.43 37.43
CA LEU A 177 -13.41 11.55 37.24
C LEU A 177 -14.79 11.06 36.85
N VAL A 178 -14.84 10.20 35.83
CA VAL A 178 -16.09 9.63 35.37
C VAL A 178 -16.64 8.76 36.47
N LYS A 179 -15.73 8.01 37.11
CA LYS A 179 -16.12 7.12 38.23
C LYS A 179 -17.06 7.87 39.19
N GLU A 180 -16.86 9.18 39.37
CA GLU A 180 -17.69 10.06 40.24
C GLU A 180 -19.18 9.93 39.88
N ARG A 181 -19.49 9.30 38.75
CA ARG A 181 -20.89 9.10 38.25
C ARG A 181 -21.21 7.61 38.21
N VAL B 2 -29.89 -10.18 4.89
CA VAL B 2 -29.91 -8.72 5.23
C VAL B 2 -28.88 -8.05 4.33
N PRO B 3 -29.23 -6.94 3.63
CA PRO B 3 -28.24 -6.23 2.81
C PRO B 3 -27.11 -5.67 3.68
N ARG B 4 -25.91 -5.55 3.10
CA ARG B 4 -24.70 -5.06 3.80
C ARG B 4 -24.20 -3.82 3.08
N GLY B 5 -23.54 -2.93 3.83
CA GLY B 5 -23.09 -1.61 3.36
C GLY B 5 -21.90 -1.69 2.43
N SER B 6 -21.35 -2.88 2.19
CA SER B 6 -20.16 -3.09 1.33
C SER B 6 -20.03 -4.56 0.93
N HIS B 7 -19.44 -4.81 -0.23
CA HIS B 7 -19.19 -6.17 -0.75
C HIS B 7 -17.90 -6.18 -1.57
N MET B 8 -16.95 -7.02 -1.17
CA MET B 8 -15.74 -7.31 -1.96
C MET B 8 -15.39 -8.77 -1.73
N TRP B 9 -15.21 -9.51 -2.82
CA TRP B 9 -14.84 -10.94 -2.83
C TRP B 9 -13.56 -11.07 -3.63
N VAL B 10 -12.67 -11.99 -3.22
CA VAL B 10 -11.42 -12.29 -3.94
C VAL B 10 -11.51 -13.73 -4.42
N PHE B 11 -11.12 -13.97 -5.66
CA PHE B 11 -11.10 -15.31 -6.28
C PHE B 11 -9.72 -15.91 -6.08
N GLY B 12 -9.67 -17.06 -5.40
CA GLY B 12 -8.42 -17.82 -5.19
C GLY B 12 -8.35 -18.95 -6.18
N TYR B 13 -7.28 -19.01 -6.97
CA TYR B 13 -7.10 -20.00 -8.06
C TYR B 13 -5.84 -20.84 -7.79
N GLY B 14 -5.07 -20.49 -6.77
CA GLY B 14 -3.83 -21.21 -6.40
C GLY B 14 -3.90 -21.70 -4.96
N SER B 15 -2.87 -21.36 -4.18
CA SER B 15 -2.70 -21.78 -2.76
C SER B 15 -3.86 -21.28 -1.90
N LEU B 16 -4.44 -20.13 -2.26
CA LEU B 16 -5.63 -19.56 -1.56
C LEU B 16 -6.75 -20.59 -1.48
N ILE B 17 -6.76 -21.58 -2.40
CA ILE B 17 -7.83 -22.61 -2.42
C ILE B 17 -7.70 -23.49 -1.18
N TRP B 18 -6.49 -23.72 -0.65
CA TRP B 18 -6.29 -24.63 0.51
C TRP B 18 -5.70 -23.89 1.73
N LYS B 19 -5.27 -22.64 1.59
CA LYS B 19 -4.76 -21.90 2.78
C LYS B 19 -4.85 -20.39 2.56
N VAL B 20 -5.42 -19.73 3.57
CA VAL B 20 -5.73 -18.27 3.57
C VAL B 20 -5.26 -17.70 4.92
N ASP B 21 -4.44 -16.65 4.87
CA ASP B 21 -3.92 -15.97 6.08
C ASP B 21 -4.73 -14.70 6.37
N PHE B 22 -5.67 -14.31 5.49
CA PHE B 22 -6.54 -13.11 5.69
C PHE B 22 -7.90 -13.54 6.21
N PRO B 23 -8.59 -12.68 7.00
CA PRO B 23 -9.94 -13.00 7.47
C PRO B 23 -10.95 -12.94 6.33
N TYR B 24 -12.01 -13.73 6.40
CA TYR B 24 -13.12 -13.75 5.42
C TYR B 24 -14.39 -14.22 6.11
N GLN B 25 -15.52 -13.73 5.62
CA GLN B 25 -16.84 -13.93 6.26
C GLN B 25 -17.57 -15.06 5.56
N ASP B 26 -17.20 -15.35 4.30
CA ASP B 26 -17.91 -16.37 3.49
C ASP B 26 -16.99 -16.90 2.37
N LYS B 27 -17.27 -18.11 1.92
CA LYS B 27 -16.48 -18.81 0.87
C LYS B 27 -17.46 -19.57 -0.03
N LEU B 28 -17.21 -19.57 -1.34
CA LEU B 28 -18.08 -20.24 -2.34
C LEU B 28 -17.20 -20.90 -3.40
N VAL B 29 -17.49 -22.16 -3.74
CA VAL B 29 -16.84 -22.89 -4.87
C VAL B 29 -17.50 -22.43 -6.17
N GLY B 30 -16.70 -22.15 -7.21
CA GLY B 30 -17.23 -21.78 -8.53
C GLY B 30 -16.11 -21.52 -9.52
N TYR B 31 -16.42 -20.94 -10.68
CA TYR B 31 -15.45 -20.68 -11.76
C TYR B 31 -15.58 -19.25 -12.25
N ILE B 32 -14.48 -18.78 -12.85
CA ILE B 32 -14.43 -17.58 -13.72
C ILE B 32 -14.15 -18.05 -15.15
N THR B 33 -14.38 -17.17 -16.12
CA THR B 33 -14.28 -17.48 -17.57
C THR B 33 -13.35 -16.45 -18.24
N ASN B 34 -12.84 -16.81 -19.42
CA ASN B 34 -11.96 -15.96 -20.29
C ASN B 34 -10.54 -15.86 -19.72
N TYR B 35 -10.21 -16.72 -18.76
CA TYR B 35 -8.83 -16.93 -18.23
C TYR B 35 -8.65 -18.44 -18.07
N SER B 36 -7.42 -18.91 -18.22
CA SER B 36 -7.02 -20.30 -17.91
C SER B 36 -5.83 -20.30 -16.94
N ARG B 37 -5.72 -21.36 -16.15
CA ARG B 37 -4.70 -21.51 -15.10
C ARG B 37 -3.55 -22.32 -15.69
N ARG B 38 -2.32 -21.78 -15.64
CA ARG B 38 -1.10 -22.41 -16.22
C ARG B 38 0.05 -22.33 -15.22
N PHE B 39 0.91 -23.35 -15.24
CA PHE B 39 2.11 -23.43 -14.36
C PHE B 39 3.23 -22.65 -15.06
N TRP B 40 3.00 -21.36 -15.33
CA TRP B 40 3.92 -20.52 -16.15
C TRP B 40 4.59 -19.46 -15.27
N GLN B 41 4.32 -19.49 -13.97
CA GLN B 41 4.97 -18.61 -12.98
C GLN B 41 6.11 -19.39 -12.30
N GLY B 42 7.25 -18.73 -12.15
CA GLY B 42 8.39 -19.18 -11.33
C GLY B 42 8.17 -18.91 -9.86
N SER B 43 8.70 -19.79 -8.99
CA SER B 43 8.65 -19.64 -7.52
C SER B 43 10.07 -19.76 -6.94
N THR B 44 10.59 -18.65 -6.45
CA THR B 44 11.92 -18.56 -5.80
C THR B 44 11.71 -18.28 -4.31
N ASP B 45 10.46 -18.11 -3.86
CA ASP B 45 10.18 -17.77 -2.44
C ASP B 45 9.29 -18.81 -1.75
N HIS B 46 8.78 -19.81 -2.47
CA HIS B 46 7.79 -20.79 -1.93
C HIS B 46 8.15 -22.23 -2.33
N ARG B 47 8.11 -22.55 -3.62
CA ARG B 47 8.16 -23.97 -4.10
C ARG B 47 9.47 -24.22 -4.83
N GLY B 48 10.30 -23.18 -4.96
CA GLY B 48 11.71 -23.27 -5.39
C GLY B 48 12.50 -22.15 -4.76
N VAL B 49 13.69 -21.88 -5.31
CA VAL B 49 14.69 -20.91 -4.77
C VAL B 49 15.36 -20.22 -5.96
N PRO B 50 16.05 -19.07 -5.78
CA PRO B 50 16.92 -18.51 -6.81
C PRO B 50 17.98 -19.51 -7.29
N GLY B 51 18.00 -19.78 -8.60
CA GLY B 51 18.91 -20.76 -9.22
C GLY B 51 18.28 -22.14 -9.35
N LYS B 52 17.11 -22.39 -8.77
CA LYS B 52 16.34 -23.65 -8.97
C LYS B 52 14.88 -23.34 -8.74
N PRO B 53 14.28 -22.45 -9.57
CA PRO B 53 12.90 -22.03 -9.40
C PRO B 53 11.91 -23.19 -9.62
N GLY B 54 10.89 -23.25 -8.78
CA GLY B 54 9.74 -24.15 -8.97
C GLY B 54 8.78 -23.54 -9.99
N ARG B 55 7.70 -24.24 -10.28
CA ARG B 55 6.60 -23.71 -11.12
C ARG B 55 5.32 -23.77 -10.32
N VAL B 56 4.61 -22.64 -10.33
CA VAL B 56 3.30 -22.46 -9.68
C VAL B 56 2.40 -21.78 -10.72
N VAL B 57 1.12 -21.68 -10.38
CA VAL B 57 0.05 -21.28 -11.32
C VAL B 57 -0.01 -19.77 -11.44
N THR B 58 -0.39 -19.30 -12.61
CA THR B 58 -0.80 -17.91 -12.90
C THR B 58 -1.93 -18.01 -13.91
N LEU B 59 -2.70 -16.93 -14.09
CA LEU B 59 -3.84 -16.89 -15.05
C LEU B 59 -3.36 -16.27 -16.35
N VAL B 60 -3.87 -16.81 -17.45
CA VAL B 60 -3.53 -16.39 -18.83
C VAL B 60 -4.85 -16.04 -19.53
N GLU B 61 -4.92 -14.90 -20.22
CA GLU B 61 -6.15 -14.51 -20.97
C GLU B 61 -6.41 -15.58 -22.05
N ASP B 62 -7.60 -16.18 -22.00
CA ASP B 62 -8.00 -17.33 -22.86
C ASP B 62 -9.49 -17.20 -23.09
N PRO B 63 -9.90 -16.72 -24.29
CA PRO B 63 -11.31 -16.47 -24.59
C PRO B 63 -12.24 -17.71 -24.51
N ALA B 64 -11.69 -18.92 -24.46
CA ALA B 64 -12.47 -20.18 -24.34
C ALA B 64 -12.37 -20.70 -22.91
N GLY B 65 -11.54 -20.05 -22.09
CA GLY B 65 -11.00 -20.63 -20.86
C GLY B 65 -11.96 -20.53 -19.70
N CYS B 66 -11.80 -21.44 -18.75
CA CYS B 66 -12.46 -21.40 -17.41
C CYS B 66 -11.42 -21.74 -16.35
N VAL B 67 -11.63 -21.27 -15.12
CA VAL B 67 -10.72 -21.53 -13.95
C VAL B 67 -11.64 -21.77 -12.77
N TRP B 68 -11.61 -23.00 -12.24
CA TRP B 68 -12.45 -23.41 -11.09
C TRP B 68 -11.66 -23.07 -9.83
N GLY B 69 -12.26 -22.33 -8.91
CA GLY B 69 -11.58 -22.06 -7.64
C GLY B 69 -12.58 -21.71 -6.57
N VAL B 70 -12.19 -20.79 -5.69
CA VAL B 70 -12.99 -20.44 -4.49
C VAL B 70 -13.01 -18.93 -4.31
N ALA B 71 -14.19 -18.36 -4.18
CA ALA B 71 -14.36 -16.91 -3.92
C ALA B 71 -14.48 -16.72 -2.40
N TYR B 72 -13.65 -15.86 -1.84
CA TYR B 72 -13.66 -15.47 -0.39
C TYR B 72 -14.26 -14.08 -0.28
N ARG B 73 -15.28 -13.92 0.57
CA ARG B 73 -15.86 -12.59 0.84
C ARG B 73 -15.07 -11.96 1.97
N LEU B 74 -14.37 -10.86 1.70
CA LEU B 74 -13.62 -10.08 2.71
C LEU B 74 -14.61 -9.59 3.75
N PRO B 75 -14.21 -9.39 5.03
CA PRO B 75 -15.14 -8.98 6.08
C PRO B 75 -15.79 -7.62 5.79
N VAL B 76 -17.09 -7.47 6.09
CA VAL B 76 -17.82 -6.19 5.89
C VAL B 76 -17.21 -5.14 6.81
N GLY B 77 -16.91 -3.95 6.26
CA GLY B 77 -16.26 -2.82 6.95
C GLY B 77 -14.75 -2.89 6.90
N LYS B 78 -14.17 -4.02 6.48
CA LYS B 78 -12.71 -4.28 6.54
C LYS B 78 -12.18 -4.59 5.14
N GLU B 79 -12.93 -4.25 4.10
CA GLU B 79 -12.59 -4.57 2.70
C GLU B 79 -11.33 -3.81 2.26
N GLU B 80 -11.24 -2.50 2.54
CA GLU B 80 -10.13 -1.60 2.10
C GLU B 80 -8.80 -2.04 2.73
N GLU B 81 -8.82 -2.47 4.00
CA GLU B 81 -7.63 -2.87 4.79
C GLU B 81 -7.17 -4.26 4.37
N VAL B 82 -8.10 -5.21 4.20
CA VAL B 82 -7.76 -6.59 3.79
C VAL B 82 -7.32 -6.54 2.32
N LYS B 83 -7.93 -5.71 1.48
CA LYS B 83 -7.41 -5.51 0.10
C LYS B 83 -5.99 -4.89 0.14
N ALA B 84 -5.72 -3.95 1.05
CA ALA B 84 -4.39 -3.33 1.21
C ALA B 84 -3.36 -4.42 1.52
N TYR B 85 -3.75 -5.36 2.39
CA TYR B 85 -2.91 -6.46 2.91
C TYR B 85 -2.51 -7.35 1.73
N LEU B 86 -3.46 -7.63 0.85
CA LEU B 86 -3.26 -8.51 -0.34
C LEU B 86 -2.42 -7.77 -1.38
N ASP B 87 -2.73 -6.50 -1.65
CA ASP B 87 -1.97 -5.62 -2.58
C ASP B 87 -0.47 -5.68 -2.20
N PHE B 88 -0.14 -5.40 -0.94
CA PHE B 88 1.26 -5.25 -0.48
C PHE B 88 1.94 -6.62 -0.30
N GLY B 89 1.18 -7.71 -0.32
CA GLY B 89 1.71 -9.09 -0.42
C GLY B 89 2.09 -9.45 -1.86
N GLN B 90 1.73 -8.61 -2.84
CA GLN B 90 2.01 -8.85 -4.29
C GLN B 90 3.26 -8.06 -4.72
N LYS B 91 4.14 -8.71 -5.49
CA LYS B 91 5.34 -8.14 -6.16
C LYS B 91 4.94 -7.13 -7.25
N GLY B 92 5.93 -6.37 -7.74
CA GLY B 92 5.80 -5.52 -8.93
C GLY B 92 5.17 -6.23 -10.13
N GLY B 93 4.48 -5.47 -10.98
CA GLY B 93 3.90 -5.98 -12.23
C GLY B 93 2.65 -6.79 -12.00
N TYR B 94 2.11 -6.90 -10.78
CA TYR B 94 0.79 -7.51 -10.56
C TYR B 94 -0.28 -6.45 -10.88
N ARG B 95 -1.42 -6.92 -11.36
CA ARG B 95 -2.62 -6.08 -11.63
C ARG B 95 -3.80 -6.70 -10.91
N THR B 96 -4.88 -5.93 -10.79
CA THR B 96 -6.19 -6.44 -10.37
C THR B 96 -7.19 -6.08 -11.46
N THR B 97 -8.17 -6.96 -11.60
CA THR B 97 -9.35 -6.76 -12.44
C THR B 97 -10.53 -7.34 -11.68
N THR B 98 -11.73 -6.96 -12.07
CA THR B 98 -12.98 -7.61 -11.63
C THR B 98 -13.44 -8.51 -12.79
N VAL B 99 -14.00 -9.66 -12.46
CA VAL B 99 -14.61 -10.61 -13.44
C VAL B 99 -15.85 -11.18 -12.77
N ILE B 100 -16.66 -11.89 -13.55
CA ILE B 100 -17.92 -12.52 -13.06
C ILE B 100 -17.56 -13.90 -12.52
N PHE B 101 -17.96 -14.14 -11.28
CA PHE B 101 -17.82 -15.43 -10.60
C PHE B 101 -19.17 -16.14 -10.72
N TYR B 102 -19.17 -17.35 -11.30
CA TYR B 102 -20.36 -18.23 -11.41
C TYR B 102 -20.26 -19.26 -10.31
N PRO B 103 -21.06 -19.11 -9.22
CA PRO B 103 -21.00 -20.06 -8.12
C PRO B 103 -21.36 -21.45 -8.64
N LYS B 104 -20.78 -22.50 -8.06
CA LYS B 104 -21.12 -23.90 -8.40
C LYS B 104 -22.59 -24.13 -8.06
N ASP B 105 -23.09 -23.51 -6.98
CA ASP B 105 -24.49 -23.67 -6.48
C ASP B 105 -25.43 -22.83 -7.36
N PRO B 106 -26.40 -23.45 -8.06
CA PRO B 106 -27.29 -22.71 -8.96
C PRO B 106 -28.26 -21.74 -8.26
N THR B 107 -28.45 -21.93 -6.94
CA THR B 107 -29.27 -21.06 -6.06
C THR B 107 -28.65 -19.65 -6.04
N THR B 108 -27.32 -19.55 -5.90
CA THR B 108 -26.57 -18.27 -5.77
C THR B 108 -26.29 -17.69 -7.15
N LYS B 109 -26.80 -16.48 -7.39
CA LYS B 109 -26.61 -15.70 -8.64
C LYS B 109 -25.11 -15.40 -8.84
N PRO B 110 -24.62 -15.31 -10.09
CA PRO B 110 -23.25 -14.82 -10.34
C PRO B 110 -23.04 -13.40 -9.79
N PHE B 111 -21.78 -13.04 -9.47
CA PHE B 111 -21.40 -11.67 -9.00
C PHE B 111 -19.94 -11.37 -9.34
N SER B 112 -19.58 -10.09 -9.29
CA SER B 112 -18.20 -9.60 -9.54
C SER B 112 -17.27 -10.01 -8.40
N VAL B 113 -16.11 -10.57 -8.76
CA VAL B 113 -15.03 -10.88 -7.79
C VAL B 113 -13.78 -10.12 -8.23
N LEU B 114 -12.90 -9.89 -7.25
CA LEU B 114 -11.55 -9.32 -7.47
C LEU B 114 -10.63 -10.45 -7.90
N LEU B 115 -9.86 -10.18 -8.95
CA LEU B 115 -8.88 -11.11 -9.55
C LEU B 115 -7.52 -10.42 -9.52
N TYR B 116 -6.53 -11.08 -8.92
CA TYR B 116 -5.11 -10.70 -9.00
C TYR B 116 -4.55 -11.44 -10.21
N ILE B 117 -3.83 -10.72 -11.05
CA ILE B 117 -3.26 -11.22 -12.34
C ILE B 117 -1.79 -10.80 -12.40
N GLY B 118 -0.88 -11.77 -12.54
CA GLY B 118 0.56 -11.56 -12.80
C GLY B 118 0.80 -10.97 -14.19
N THR B 119 1.75 -10.03 -14.29
CA THR B 119 2.16 -9.37 -15.57
C THR B 119 3.35 -10.15 -16.12
N CYS B 120 3.59 -10.04 -17.43
CA CYS B 120 4.80 -10.55 -18.14
C CYS B 120 6.06 -9.91 -17.53
N ASP B 121 6.00 -8.62 -17.21
CA ASP B 121 7.13 -7.83 -16.64
C ASP B 121 7.39 -8.26 -15.20
N ASN B 122 6.49 -9.02 -14.57
CA ASN B 122 6.75 -9.65 -13.25
C ASN B 122 7.96 -10.56 -13.38
N PRO B 123 9.02 -10.37 -12.56
CA PRO B 123 10.30 -11.04 -12.79
C PRO B 123 10.30 -12.55 -12.50
N ASP B 124 9.24 -13.09 -11.88
CA ASP B 124 9.10 -14.53 -11.58
C ASP B 124 8.51 -15.27 -12.79
N TYR B 125 7.74 -14.57 -13.63
CA TYR B 125 7.09 -15.14 -14.84
C TYR B 125 8.12 -15.92 -15.68
N LEU B 126 7.86 -17.21 -15.87
CA LEU B 126 8.69 -18.10 -16.74
C LEU B 126 8.07 -18.17 -18.14
N GLY B 127 6.75 -18.33 -18.22
CA GLY B 127 6.04 -18.48 -19.51
C GLY B 127 5.90 -19.94 -19.89
N PRO B 128 5.44 -20.22 -21.14
CA PRO B 128 5.07 -21.59 -21.52
C PRO B 128 6.30 -22.47 -21.76
N ALA B 129 6.12 -23.77 -21.51
CA ALA B 129 7.13 -24.83 -21.73
C ALA B 129 6.40 -26.16 -21.85
N PRO B 130 7.00 -27.19 -22.51
CA PRO B 130 6.37 -28.50 -22.64
C PRO B 130 5.98 -29.10 -21.28
N LEU B 131 4.89 -29.88 -21.24
CA LEU B 131 4.34 -30.47 -20.00
C LEU B 131 5.41 -31.33 -19.32
N GLU B 132 6.12 -32.15 -20.11
CA GLU B 132 7.18 -33.05 -19.60
C GLU B 132 8.20 -32.21 -18.83
N ASP B 133 8.71 -31.13 -19.44
CA ASP B 133 9.67 -30.17 -18.84
C ASP B 133 9.11 -29.61 -17.52
N ILE B 134 7.85 -29.17 -17.53
CA ILE B 134 7.16 -28.59 -16.33
C ILE B 134 7.12 -29.67 -15.24
N ALA B 135 6.65 -30.88 -15.56
CA ALA B 135 6.57 -31.98 -14.57
C ALA B 135 7.96 -32.30 -13.98
N GLU B 136 9.02 -32.19 -14.79
CA GLU B 136 10.43 -32.43 -14.38
C GLU B 136 10.88 -31.35 -13.38
N GLN B 137 10.54 -30.09 -13.66
CA GLN B 137 10.92 -28.92 -12.81
C GLN B 137 10.20 -29.04 -11.47
N ILE B 138 8.95 -29.49 -11.49
CA ILE B 138 8.10 -29.62 -10.26
C ILE B 138 8.66 -30.75 -9.41
N PHE B 139 8.99 -31.88 -10.04
CA PHE B 139 9.50 -33.07 -9.34
C PHE B 139 10.72 -32.68 -8.50
N ASN B 140 11.61 -31.83 -9.04
CA ASN B 140 12.95 -31.52 -8.49
C ASN B 140 12.94 -30.26 -7.61
N ALA B 141 11.90 -29.43 -7.64
CA ALA B 141 11.95 -28.10 -6.97
C ALA B 141 11.39 -28.19 -5.54
N ALA B 142 11.93 -27.37 -4.66
CA ALA B 142 11.54 -27.26 -3.24
C ALA B 142 12.04 -25.91 -2.76
N GLY B 143 11.17 -25.20 -2.02
CA GLY B 143 11.42 -23.84 -1.56
C GLY B 143 11.03 -23.71 -0.10
N PRO B 144 11.07 -22.48 0.45
CA PRO B 144 10.78 -22.24 1.85
C PRO B 144 9.38 -22.69 2.34
N SER B 145 8.37 -22.81 1.46
CA SER B 145 7.03 -23.33 1.84
C SER B 145 6.96 -24.85 1.72
N GLY B 146 7.87 -25.49 0.99
CA GLY B 146 8.02 -26.97 0.92
C GLY B 146 8.23 -27.44 -0.51
N ARG B 147 7.96 -28.72 -0.79
CA ARG B 147 8.17 -29.35 -2.13
C ARG B 147 7.21 -28.76 -3.16
N ASN B 148 7.67 -28.61 -4.40
CA ASN B 148 6.83 -28.18 -5.54
C ASN B 148 5.74 -29.24 -5.76
N THR B 149 6.08 -30.51 -5.54
CA THR B 149 5.17 -31.66 -5.76
C THR B 149 3.98 -31.53 -4.81
N GLU B 150 4.22 -31.14 -3.55
CA GLU B 150 3.18 -30.94 -2.51
C GLU B 150 2.18 -29.87 -2.95
N TYR B 151 2.67 -28.75 -3.53
CA TYR B 151 1.83 -27.66 -4.07
C TYR B 151 0.98 -28.22 -5.20
N LEU B 152 1.56 -29.01 -6.12
CA LEU B 152 0.82 -29.55 -7.29
C LEU B 152 -0.26 -30.50 -6.77
N PHE B 153 0.12 -31.46 -5.93
CA PHE B 153 -0.79 -32.50 -5.38
C PHE B 153 -1.92 -31.86 -4.55
N GLU B 154 -1.63 -30.78 -3.80
CA GLU B 154 -2.68 -30.15 -2.96
C GLU B 154 -3.69 -29.44 -3.87
N LEU B 155 -3.20 -28.73 -4.90
CA LEU B 155 -4.11 -28.05 -5.86
C LEU B 155 -4.94 -29.08 -6.62
N ALA B 156 -4.35 -30.19 -7.09
CA ALA B 156 -5.07 -31.26 -7.82
C ALA B 156 -6.11 -31.90 -6.89
N ASN B 157 -5.75 -32.10 -5.62
CA ASN B 157 -6.64 -32.72 -4.60
C ASN B 157 -7.86 -31.80 -4.38
N SER B 158 -7.63 -30.50 -4.25
CA SER B 158 -8.66 -29.47 -3.92
C SER B 158 -9.66 -29.31 -5.08
N ILE B 159 -9.17 -29.19 -6.31
CA ILE B 159 -10.00 -29.11 -7.55
C ILE B 159 -10.82 -30.41 -7.71
N ARG B 160 -10.19 -31.58 -7.53
CA ARG B 160 -10.86 -32.89 -7.65
C ARG B 160 -12.03 -32.98 -6.65
N ASN B 161 -11.79 -32.58 -5.41
CA ASN B 161 -12.79 -32.60 -4.29
C ASN B 161 -14.02 -31.78 -4.70
N LEU B 162 -13.84 -30.68 -5.47
CA LEU B 162 -14.87 -29.65 -5.73
C LEU B 162 -15.54 -29.79 -7.11
N VAL B 163 -14.95 -30.53 -8.06
CA VAL B 163 -15.51 -30.73 -9.44
C VAL B 163 -14.85 -31.95 -10.09
N PRO B 164 -15.44 -32.53 -11.17
CA PRO B 164 -14.79 -33.63 -11.90
C PRO B 164 -13.46 -33.22 -12.53
N GLU B 165 -12.65 -34.21 -12.94
CA GLU B 165 -11.25 -34.00 -13.39
C GLU B 165 -11.24 -33.28 -14.74
N GLU B 166 -12.31 -33.39 -15.52
CA GLU B 166 -12.49 -32.70 -16.82
C GLU B 166 -12.27 -31.19 -16.66
N ALA B 167 -12.51 -30.67 -15.45
CA ALA B 167 -12.56 -29.23 -15.12
C ALA B 167 -11.21 -28.52 -15.34
N ASP B 168 -10.08 -29.23 -15.31
CA ASP B 168 -8.73 -28.60 -15.51
C ASP B 168 -7.75 -29.64 -16.06
N GLU B 169 -7.71 -29.80 -17.39
CA GLU B 169 -6.88 -30.83 -18.09
C GLU B 169 -5.39 -30.55 -17.85
N HIS B 170 -4.97 -29.28 -17.80
CA HIS B 170 -3.57 -28.83 -17.59
C HIS B 170 -3.09 -29.30 -16.20
N LEU B 171 -3.84 -28.94 -15.15
CA LEU B 171 -3.58 -29.33 -13.74
C LEU B 171 -3.45 -30.86 -13.62
N PHE B 172 -4.39 -31.63 -14.16
CA PHE B 172 -4.46 -33.09 -13.93
C PHE B 172 -3.45 -33.85 -14.80
N ALA B 173 -3.13 -33.35 -15.99
CA ALA B 173 -2.05 -33.92 -16.84
C ALA B 173 -0.73 -33.81 -16.06
N LEU B 174 -0.43 -32.62 -15.54
CA LEU B 174 0.80 -32.36 -14.74
C LEU B 174 0.80 -33.27 -13.50
N GLU B 175 -0.33 -33.41 -12.81
CA GLU B 175 -0.43 -34.28 -11.61
C GLU B 175 0.01 -35.70 -11.97
N LYS B 176 -0.41 -36.21 -13.13
CA LYS B 176 -0.15 -37.60 -13.59
C LYS B 176 1.30 -37.73 -14.04
N LEU B 177 1.83 -36.74 -14.79
CA LEU B 177 3.23 -36.68 -15.30
C LEU B 177 4.23 -36.69 -14.13
N VAL B 178 3.89 -36.05 -13.01
CA VAL B 178 4.75 -35.98 -11.78
C VAL B 178 4.57 -37.27 -10.98
N LYS B 179 3.32 -37.71 -10.76
CA LYS B 179 2.98 -38.93 -9.99
C LYS B 179 3.66 -40.14 -10.64
N GLU B 180 3.90 -40.06 -11.95
CA GLU B 180 4.62 -41.09 -12.76
C GLU B 180 6.04 -41.31 -12.20
N ARG B 181 6.50 -40.45 -11.29
CA ARG B 181 7.83 -40.58 -10.62
C ARG B 181 7.64 -40.60 -9.10
N HIS C 7 -1.05 0.89 -3.00
CA HIS C 7 0.33 1.43 -3.14
C HIS C 7 0.27 2.89 -3.58
N MET C 8 1.11 3.75 -3.01
CA MET C 8 1.27 5.16 -3.41
C MET C 8 2.05 5.22 -4.73
N TRP C 9 1.46 5.79 -5.78
CA TRP C 9 2.14 6.07 -7.08
C TRP C 9 2.47 7.55 -7.18
N VAL C 10 3.69 7.89 -7.62
CA VAL C 10 4.18 9.28 -7.82
C VAL C 10 4.40 9.52 -9.32
N PHE C 11 3.89 10.64 -9.82
CA PHE C 11 4.01 11.04 -11.25
C PHE C 11 5.26 11.90 -11.45
N GLY C 12 6.19 11.42 -12.28
CA GLY C 12 7.43 12.13 -12.66
C GLY C 12 7.26 12.88 -13.95
N TYR C 13 7.47 14.19 -13.92
CA TYR C 13 7.26 15.12 -15.07
C TYR C 13 8.58 15.81 -15.46
N GLY C 14 9.63 15.66 -14.66
CA GLY C 14 10.96 16.25 -14.93
C GLY C 14 12.07 15.22 -14.83
N SER C 15 13.11 15.52 -14.04
CA SER C 15 14.33 14.71 -13.82
C SER C 15 13.99 13.27 -13.46
N LEU C 16 12.87 13.04 -12.76
CA LEU C 16 12.44 11.70 -12.29
C LEU C 16 12.39 10.72 -13.47
N ILE C 17 11.79 11.15 -14.60
CA ILE C 17 11.44 10.27 -15.75
C ILE C 17 12.67 9.46 -16.18
N TRP C 18 13.84 10.10 -16.31
CA TRP C 18 15.09 9.49 -16.83
C TRP C 18 15.99 9.04 -15.67
N LYS C 19 16.08 9.83 -14.60
CA LYS C 19 16.99 9.60 -13.45
C LYS C 19 16.17 9.29 -12.19
N VAL C 20 16.35 8.09 -11.63
CA VAL C 20 15.76 7.64 -10.32
C VAL C 20 16.86 6.97 -9.51
N ASP C 21 16.99 7.33 -8.22
CA ASP C 21 17.90 6.67 -7.24
C ASP C 21 17.06 5.78 -6.30
N PHE C 22 15.85 6.23 -5.93
CA PHE C 22 14.94 5.52 -5.00
C PHE C 22 14.43 4.22 -5.64
N PRO C 23 14.09 3.19 -4.84
CA PRO C 23 13.63 1.92 -5.39
C PRO C 23 12.13 1.96 -5.71
N TYR C 24 11.78 1.67 -6.97
CA TYR C 24 10.38 1.60 -7.46
C TYR C 24 10.07 0.15 -7.82
N GLN C 25 8.85 -0.28 -7.50
CA GLN C 25 8.37 -1.68 -7.68
C GLN C 25 7.75 -1.83 -9.06
N ASP C 26 7.18 -0.76 -9.61
CA ASP C 26 6.51 -0.74 -10.94
C ASP C 26 6.49 0.70 -11.48
N LYS C 27 6.42 0.84 -12.80
CA LYS C 27 6.29 2.16 -13.50
C LYS C 27 5.43 1.99 -14.75
N LEU C 28 4.80 3.08 -15.20
CA LEU C 28 3.87 3.13 -16.35
C LEU C 28 4.00 4.50 -17.04
N VAL C 29 4.07 4.50 -18.37
CA VAL C 29 4.05 5.73 -19.22
C VAL C 29 2.60 6.18 -19.36
N GLY C 30 2.35 7.49 -19.32
CA GLY C 30 0.99 8.07 -19.33
C GLY C 30 1.03 9.57 -19.16
N TYR C 31 -0.11 10.18 -18.81
CA TYR C 31 -0.26 11.65 -18.71
C TYR C 31 -1.29 11.99 -17.63
N ILE C 32 -1.19 13.23 -17.12
CA ILE C 32 -2.21 13.88 -16.27
C ILE C 32 -2.87 14.99 -17.12
N THR C 33 -3.83 15.69 -16.54
CA THR C 33 -4.65 16.73 -17.21
C THR C 33 -4.90 17.88 -16.23
N ASN C 34 -5.31 19.04 -16.74
CA ASN C 34 -5.59 20.27 -15.95
C ASN C 34 -4.28 20.83 -15.39
N TYR C 35 -3.15 20.41 -15.97
CA TYR C 35 -1.78 20.89 -15.64
C TYR C 35 -0.95 20.96 -16.92
N SER C 36 -0.14 22.00 -17.06
CA SER C 36 0.86 22.14 -18.15
C SER C 36 2.28 22.16 -17.55
N ARG C 37 3.24 21.60 -18.27
CA ARG C 37 4.69 21.59 -17.89
C ARG C 37 5.39 22.79 -18.52
N ARG C 38 5.87 23.71 -17.68
CA ARG C 38 6.60 24.94 -18.12
C ARG C 38 7.93 25.01 -17.38
N PHE C 39 8.99 25.41 -18.08
CA PHE C 39 10.31 25.74 -17.52
C PHE C 39 10.22 27.14 -16.89
N TRP C 40 9.44 27.27 -15.81
CA TRP C 40 9.22 28.58 -15.10
C TRP C 40 9.80 28.50 -13.68
N GLN C 41 10.59 27.47 -13.39
CA GLN C 41 11.22 27.24 -12.07
C GLN C 41 12.75 27.39 -12.22
N GLY C 42 13.36 28.15 -11.30
CA GLY C 42 14.81 28.37 -11.24
C GLY C 42 15.49 27.21 -10.53
N SER C 43 16.71 26.87 -10.94
CA SER C 43 17.54 25.77 -10.36
C SER C 43 18.83 26.34 -9.79
N THR C 44 18.90 26.50 -8.47
CA THR C 44 20.09 27.02 -7.73
C THR C 44 20.85 25.86 -7.04
N ASP C 45 20.37 24.62 -7.14
CA ASP C 45 21.04 23.47 -6.47
C ASP C 45 21.31 22.30 -7.43
N HIS C 46 20.90 22.40 -8.71
CA HIS C 46 20.96 21.27 -9.68
C HIS C 46 21.55 21.74 -11.02
N ARG C 47 20.82 22.57 -11.77
CA ARG C 47 21.10 22.89 -13.20
C ARG C 47 21.45 24.38 -13.34
N GLY C 48 21.59 25.08 -12.23
CA GLY C 48 22.27 26.39 -12.13
C GLY C 48 22.78 26.61 -10.72
N VAL C 49 23.16 27.85 -10.38
CA VAL C 49 23.68 28.25 -9.04
C VAL C 49 23.05 29.58 -8.66
N PRO C 50 23.14 30.02 -7.38
CA PRO C 50 22.69 31.35 -6.97
C PRO C 50 23.52 32.48 -7.61
N GLY C 51 22.84 33.47 -8.21
CA GLY C 51 23.43 34.50 -9.08
C GLY C 51 23.31 34.15 -10.56
N LYS C 52 23.19 32.85 -10.87
CA LYS C 52 23.02 32.32 -12.25
C LYS C 52 22.14 31.07 -12.24
N PRO C 53 20.82 31.23 -12.00
CA PRO C 53 19.92 30.08 -11.91
C PRO C 53 19.67 29.46 -13.29
N GLY C 54 19.55 28.14 -13.31
CA GLY C 54 19.08 27.40 -14.49
C GLY C 54 17.57 27.49 -14.57
N ARG C 55 16.99 27.02 -15.67
CA ARG C 55 15.53 26.87 -15.78
C ARG C 55 15.18 25.37 -15.79
N VAL C 56 14.28 24.97 -14.90
CA VAL C 56 13.86 23.56 -14.67
C VAL C 56 12.32 23.54 -14.71
N VAL C 57 11.71 22.40 -15.02
CA VAL C 57 10.23 22.31 -15.23
C VAL C 57 9.53 22.44 -13.87
N THR C 58 8.31 22.98 -13.94
CA THR C 58 7.35 23.15 -12.83
C THR C 58 5.94 23.07 -13.45
N LEU C 59 4.98 22.48 -12.73
CA LEU C 59 3.59 22.32 -13.25
C LEU C 59 2.78 23.57 -12.93
N VAL C 60 2.02 24.05 -13.91
CA VAL C 60 1.08 25.21 -13.78
C VAL C 60 -0.34 24.66 -14.03
N GLU C 61 -1.30 25.01 -13.16
CA GLU C 61 -2.75 24.79 -13.42
C GLU C 61 -3.04 25.32 -14.83
N ASP C 62 -3.90 24.64 -15.58
CA ASP C 62 -4.20 24.90 -17.02
C ASP C 62 -5.38 24.03 -17.43
N PRO C 63 -6.58 24.59 -17.67
CA PRO C 63 -7.79 23.78 -17.89
C PRO C 63 -7.71 22.84 -19.11
N ALA C 64 -7.02 23.28 -20.17
CA ALA C 64 -6.89 22.53 -21.45
C ALA C 64 -5.48 21.93 -21.53
N GLY C 65 -4.85 21.68 -20.37
CA GLY C 65 -3.45 21.24 -20.24
C GLY C 65 -3.36 19.72 -20.13
N CYS C 66 -2.29 19.16 -20.69
CA CYS C 66 -1.87 17.75 -20.51
C CYS C 66 -0.36 17.72 -20.21
N VAL C 67 0.11 16.63 -19.60
CA VAL C 67 1.52 16.46 -19.16
C VAL C 67 1.82 14.96 -19.27
N TRP C 68 2.63 14.59 -20.27
CA TRP C 68 3.15 13.22 -20.48
C TRP C 68 4.30 12.94 -19.53
N GLY C 69 4.19 11.88 -18.73
CA GLY C 69 5.28 11.47 -17.83
C GLY C 69 5.27 9.98 -17.54
N VAL C 70 5.89 9.61 -16.43
CA VAL C 70 5.93 8.22 -15.91
C VAL C 70 5.34 8.26 -14.50
N ALA C 71 4.68 7.18 -14.09
CA ALA C 71 4.12 6.96 -12.74
C ALA C 71 4.92 5.82 -12.10
N TYR C 72 5.48 6.07 -10.92
CA TYR C 72 6.35 5.13 -10.18
C TYR C 72 5.58 4.61 -8.97
N ARG C 73 5.49 3.29 -8.82
CA ARG C 73 4.81 2.63 -7.68
C ARG C 73 5.80 2.51 -6.51
N LEU C 74 5.50 3.18 -5.40
CA LEU C 74 6.39 3.21 -4.20
C LEU C 74 5.99 2.06 -3.27
N PRO C 75 6.92 1.58 -2.42
CA PRO C 75 6.63 0.50 -1.47
C PRO C 75 5.91 1.00 -0.21
N TYR C 94 7.62 23.75 -2.44
CA TYR C 94 6.86 22.55 -2.87
C TYR C 94 5.49 22.52 -2.19
N ARG C 95 4.49 21.98 -2.90
CA ARG C 95 3.12 21.69 -2.41
C ARG C 95 2.65 20.40 -3.10
N THR C 96 1.98 19.50 -2.37
CA THR C 96 1.55 18.16 -2.88
C THR C 96 0.04 18.10 -3.05
N THR C 97 -0.41 17.34 -4.05
CA THR C 97 -1.84 17.04 -4.33
C THR C 97 -1.92 15.74 -5.15
N THR C 98 -3.11 15.17 -5.28
CA THR C 98 -3.37 13.91 -6.04
C THR C 98 -4.25 14.24 -7.25
N VAL C 99 -3.97 13.62 -8.40
CA VAL C 99 -4.80 13.75 -9.64
C VAL C 99 -4.86 12.38 -10.32
N ILE C 100 -5.72 12.25 -11.33
CA ILE C 100 -5.88 10.98 -12.12
C ILE C 100 -4.79 10.91 -13.19
N PHE C 101 -4.00 9.84 -13.17
CA PHE C 101 -2.98 9.47 -14.19
C PHE C 101 -3.66 8.54 -15.21
N TYR C 102 -3.45 8.77 -16.50
CA TYR C 102 -3.98 7.93 -17.60
C TYR C 102 -2.83 7.13 -18.22
N PRO C 103 -2.71 5.83 -17.91
CA PRO C 103 -1.68 4.97 -18.49
C PRO C 103 -1.70 5.03 -20.03
N LYS C 104 -0.55 4.85 -20.67
CA LYS C 104 -0.43 4.95 -22.15
C LYS C 104 -1.17 3.77 -22.78
N ASP C 105 -0.83 2.55 -22.33
CA ASP C 105 -1.52 1.30 -22.72
C ASP C 105 -2.96 1.35 -22.20
N PRO C 106 -3.98 1.22 -23.08
CA PRO C 106 -5.38 1.31 -22.65
C PRO C 106 -5.85 0.22 -21.66
N THR C 107 -5.13 -0.90 -21.57
CA THR C 107 -5.49 -2.08 -20.74
C THR C 107 -5.59 -1.68 -19.26
N THR C 108 -4.65 -0.84 -18.77
CA THR C 108 -4.60 -0.37 -17.36
C THR C 108 -5.50 0.86 -17.22
N LYS C 109 -6.42 0.85 -16.25
CA LYS C 109 -7.40 1.93 -15.99
C LYS C 109 -6.66 3.13 -15.40
N PRO C 110 -7.20 4.37 -15.52
CA PRO C 110 -6.63 5.52 -14.81
C PRO C 110 -6.71 5.33 -13.28
N PHE C 111 -5.68 5.79 -12.57
CA PHE C 111 -5.62 5.72 -11.08
C PHE C 111 -5.01 7.02 -10.52
N SER C 112 -5.34 7.32 -9.26
CA SER C 112 -4.90 8.52 -8.50
C SER C 112 -3.41 8.40 -8.16
N VAL C 113 -2.59 9.36 -8.61
CA VAL C 113 -1.12 9.41 -8.36
C VAL C 113 -0.79 10.69 -7.59
N LEU C 114 0.32 10.67 -6.84
CA LEU C 114 0.81 11.80 -6.02
C LEU C 114 1.61 12.77 -6.91
N LEU C 115 1.26 14.06 -6.88
CA LEU C 115 1.89 15.15 -7.67
C LEU C 115 2.53 16.17 -6.71
N TYR C 116 3.82 16.45 -6.88
CA TYR C 116 4.66 17.34 -6.02
C TYR C 116 5.06 18.58 -6.83
N ILE C 117 4.57 19.76 -6.45
CA ILE C 117 4.73 21.03 -7.24
C ILE C 117 5.16 22.17 -6.31
N GLY C 118 6.17 22.94 -6.72
CA GLY C 118 6.67 24.14 -6.01
C GLY C 118 6.68 25.35 -6.91
N ASP C 124 12.43 29.90 -5.62
CA ASP C 124 13.15 29.49 -6.85
C ASP C 124 12.28 29.66 -8.10
N TYR C 125 11.01 30.08 -7.97
CA TYR C 125 10.07 30.31 -9.10
C TYR C 125 10.46 31.61 -9.83
N LEU C 126 10.70 31.52 -11.14
CA LEU C 126 11.03 32.68 -12.01
C LEU C 126 9.74 33.26 -12.62
N GLY C 127 8.82 32.40 -13.04
CA GLY C 127 7.59 32.78 -13.76
C GLY C 127 7.79 32.72 -15.27
N PRO C 128 6.75 33.05 -16.07
CA PRO C 128 6.84 32.99 -17.53
C PRO C 128 7.95 33.89 -18.10
N ALA C 129 8.43 33.55 -19.31
CA ALA C 129 9.40 34.33 -20.10
C ALA C 129 9.30 33.96 -21.57
N PRO C 130 9.82 34.79 -22.51
CA PRO C 130 9.92 34.40 -23.92
C PRO C 130 10.81 33.16 -24.09
N LEU C 131 10.45 32.26 -25.02
CA LEU C 131 11.13 30.95 -25.23
C LEU C 131 12.57 31.16 -25.67
N GLU C 132 12.86 32.25 -26.39
CA GLU C 132 14.23 32.65 -26.81
C GLU C 132 15.08 32.95 -25.56
N ASP C 133 14.52 33.73 -24.63
CA ASP C 133 15.15 34.13 -23.35
C ASP C 133 15.38 32.89 -22.47
N ILE C 134 14.38 32.00 -22.38
CA ILE C 134 14.46 30.71 -21.63
C ILE C 134 15.59 29.86 -22.23
N ALA C 135 15.54 29.63 -23.54
CA ALA C 135 16.52 28.83 -24.32
C ALA C 135 17.93 29.37 -24.10
N GLU C 136 18.09 30.69 -24.02
CA GLU C 136 19.38 31.38 -23.73
C GLU C 136 19.87 30.93 -22.35
N GLN C 137 19.07 31.16 -21.31
CA GLN C 137 19.40 30.84 -19.89
C GLN C 137 19.86 29.38 -19.78
N ILE C 138 19.05 28.44 -20.30
CA ILE C 138 19.34 26.97 -20.26
C ILE C 138 20.70 26.70 -20.90
N PHE C 139 21.00 27.34 -22.03
CA PHE C 139 22.24 27.10 -22.81
C PHE C 139 23.49 27.43 -21.96
N ASN C 140 23.40 28.49 -21.15
CA ASN C 140 24.54 29.06 -20.39
C ASN C 140 24.60 28.44 -18.98
N ALA C 141 23.44 28.10 -18.40
CA ALA C 141 23.30 27.66 -16.98
C ALA C 141 23.90 26.27 -16.79
N ALA C 142 24.53 26.04 -15.64
CA ALA C 142 25.06 24.74 -15.17
C ALA C 142 25.16 24.77 -13.65
N GLY C 143 24.77 23.69 -12.99
CA GLY C 143 24.78 23.56 -11.52
C GLY C 143 25.54 22.33 -11.06
N PRO C 144 25.46 21.98 -9.74
CA PRO C 144 26.10 20.79 -9.20
C PRO C 144 25.71 19.45 -9.84
N SER C 145 24.50 19.35 -10.41
CA SER C 145 23.96 18.10 -11.01
C SER C 145 24.37 17.97 -12.49
N GLY C 146 24.95 19.02 -13.08
CA GLY C 146 25.42 19.04 -14.47
C GLY C 146 24.87 20.23 -15.24
N ARG C 147 24.95 20.18 -16.58
CA ARG C 147 24.51 21.27 -17.50
C ARG C 147 22.98 21.35 -17.52
N ASN C 148 22.44 22.56 -17.70
CA ASN C 148 20.98 22.83 -17.82
C ASN C 148 20.51 22.34 -19.19
N THR C 149 21.39 22.34 -20.20
CA THR C 149 21.15 21.77 -21.55
C THR C 149 20.95 20.25 -21.44
N GLU C 150 21.78 19.55 -20.66
CA GLU C 150 21.66 18.08 -20.42
C GLU C 150 20.23 17.79 -19.93
N TYR C 151 19.77 18.55 -18.94
CA TYR C 151 18.45 18.41 -18.28
C TYR C 151 17.33 18.46 -19.34
N LEU C 152 17.39 19.46 -20.22
CA LEU C 152 16.35 19.74 -21.26
C LEU C 152 16.39 18.66 -22.34
N PHE C 153 17.60 18.34 -22.83
CA PHE C 153 17.87 17.35 -23.91
C PHE C 153 17.46 15.95 -23.47
N GLU C 154 17.60 15.67 -22.17
CA GLU C 154 17.30 14.36 -21.53
C GLU C 154 15.77 14.21 -21.39
N LEU C 155 15.08 15.29 -21.03
CA LEU C 155 13.60 15.32 -20.90
C LEU C 155 12.96 15.17 -22.29
N ALA C 156 13.46 15.91 -23.29
CA ALA C 156 12.96 15.89 -24.69
C ALA C 156 13.14 14.49 -25.30
N ASN C 157 14.38 13.97 -25.26
CA ASN C 157 14.72 12.60 -25.73
C ASN C 157 13.79 11.58 -25.06
N SER C 158 13.55 11.74 -23.76
CA SER C 158 12.62 10.88 -22.97
C SER C 158 11.22 10.94 -23.60
N ILE C 159 10.58 12.11 -23.55
CA ILE C 159 9.18 12.35 -24.04
C ILE C 159 9.09 11.92 -25.51
N ARG C 160 10.13 12.16 -26.30
CA ARG C 160 10.23 11.77 -27.74
C ARG C 160 10.02 10.26 -27.87
N ASN C 161 10.74 9.45 -27.08
CA ASN C 161 10.70 7.97 -27.14
C ASN C 161 9.43 7.42 -26.48
N LEU C 162 8.58 8.30 -25.93
CA LEU C 162 7.30 7.92 -25.26
C LEU C 162 6.10 8.28 -26.14
N VAL C 163 6.10 9.45 -26.78
CA VAL C 163 4.95 10.00 -27.56
C VAL C 163 5.46 10.94 -28.66
N PRO C 164 4.63 11.32 -29.66
CA PRO C 164 5.06 12.24 -30.71
C PRO C 164 5.43 13.65 -30.20
N GLU C 165 5.89 14.51 -31.13
CA GLU C 165 6.42 15.87 -30.82
C GLU C 165 5.25 16.84 -30.51
N GLU C 166 4.07 16.57 -31.05
CA GLU C 166 2.85 17.43 -30.89
C GLU C 166 2.34 17.33 -29.43
N ALA C 167 2.84 16.36 -28.67
CA ALA C 167 2.44 16.07 -27.26
C ALA C 167 2.84 17.22 -26.34
N ASP C 168 4.03 17.81 -26.53
CA ASP C 168 4.53 18.94 -25.70
C ASP C 168 5.20 19.98 -26.59
N GLU C 169 4.46 21.03 -26.96
CA GLU C 169 4.94 22.18 -27.78
C GLU C 169 6.09 22.87 -27.04
N HIS C 170 5.83 23.32 -25.81
CA HIS C 170 6.75 24.11 -24.95
C HIS C 170 8.10 23.41 -24.81
N LEU C 171 8.10 22.10 -24.56
CA LEU C 171 9.33 21.28 -24.30
C LEU C 171 10.17 21.18 -25.58
N PHE C 172 9.52 20.94 -26.73
CA PHE C 172 10.19 20.60 -28.01
C PHE C 172 10.65 21.88 -28.73
N ALA C 173 9.90 22.98 -28.59
CA ALA C 173 10.24 24.30 -29.14
C ALA C 173 11.52 24.81 -28.46
N LEU C 174 11.60 24.64 -27.15
CA LEU C 174 12.77 25.01 -26.31
C LEU C 174 13.99 24.18 -26.74
N GLU C 175 13.80 22.87 -26.92
CA GLU C 175 14.87 21.93 -27.33
C GLU C 175 15.48 22.42 -28.64
N LYS C 176 14.67 22.66 -29.67
CA LYS C 176 15.11 23.11 -31.01
C LYS C 176 15.84 24.45 -30.88
N LEU C 177 15.34 25.36 -30.03
CA LEU C 177 15.93 26.71 -29.81
C LEU C 177 17.31 26.59 -29.17
N VAL C 178 17.46 25.72 -28.16
CA VAL C 178 18.77 25.41 -27.51
C VAL C 178 19.65 24.66 -28.52
N LYS C 179 19.08 23.67 -29.23
CA LYS C 179 19.76 22.89 -30.31
C LYS C 179 20.31 23.84 -31.38
N GLU C 180 19.59 24.93 -31.69
CA GLU C 180 20.02 25.95 -32.70
C GLU C 180 21.44 26.41 -32.37
N ARG C 181 21.85 26.38 -31.09
CA ARG C 181 23.25 26.59 -30.65
C ARG C 181 23.96 25.24 -30.52
#